data_4G2G
#
_entry.id   4G2G
#
_cell.length_a   77.365
_cell.length_b   77.365
_cell.length_c   263.645
_cell.angle_alpha   90.00
_cell.angle_beta   90.00
_cell.angle_gamma   120.00
#
_symmetry.space_group_name_H-M   'P 65 2 2'
#
loop_
_entity.id
_entity.type
_entity.pdbx_description
1 polymer 'Cytochrome P450 121'
2 non-polymer 'PROTOPORPHYRIN IX CONTAINING FE'
3 non-polymer 'SULFATE ION'
4 non-polymer 'DIMETHYL SULFOXIDE'
5 non-polymer "4,4'-(1H-1,2,3-triazole-1,5-diyl)diphenol"
6 water water
#
_entity_poly.entity_id   1
_entity_poly.type   'polypeptide(L)'
_entity_poly.pdbx_seq_one_letter_code
;TATVLLEVPFSARGDRIPDAVAELRTREPIRKVRTITGAEAWLVSSYALCTQVLEDRRFSMKETAAAGAPRLNALTVPPE
VVNNMGNIADAGLRKAVMKAITPKAPGLEQFLRDTANSLLDNLITEGAPADLRNDFADPLATALHCKVLGIPQEDGPKLF
RSLSIAFMSSADPIPAAKINWDRDIEYMAGILENPNITTGLMGELSRLRKDPAYSHVSDELFATIGVTFFGAGVISTGSF
LTTALISLIQRPQLRNLLHEKPELIPAGVEELLRINLSFADGLPRLATADIQVGDVLVRKGELVLVLLEGANFDPEHFPN
PGSIELDRPNPTSHLAFGRGQHFCPGSALGRRHAQIGIEALLKKMPGVDLAVPIDQLVWRTRFQRRIPERLPVLW
;
_entity_poly.pdbx_strand_id   A
#
# COMPACT_ATOMS: atom_id res chain seq x y z
C THR A 1 -19.52 -26.16 -19.39
N ALA A 2 -18.49 -26.98 -19.58
CA ALA A 2 -17.09 -26.65 -19.20
C ALA A 2 -16.87 -25.19 -18.83
N THR A 3 -16.04 -24.96 -17.82
CA THR A 3 -15.60 -23.60 -17.47
C THR A 3 -14.06 -23.49 -17.46
N VAL A 4 -13.60 -22.24 -17.60
CA VAL A 4 -12.18 -22.03 -17.56
C VAL A 4 -11.70 -22.05 -16.09
N LEU A 5 -10.40 -22.21 -15.86
CA LEU A 5 -9.79 -22.15 -14.54
C LEU A 5 -10.19 -20.80 -13.90
N LEU A 6 -10.57 -20.80 -12.62
CA LEU A 6 -10.94 -19.58 -11.88
C LEU A 6 -9.89 -18.46 -12.01
N GLU A 7 -10.40 -17.30 -12.39
CA GLU A 7 -9.57 -16.12 -12.67
C GLU A 7 -9.45 -15.14 -11.49
N VAL A 8 -8.23 -14.59 -11.31
CA VAL A 8 -7.98 -13.52 -10.37
C VAL A 8 -7.58 -12.25 -11.12
N PRO A 9 -8.03 -11.09 -10.63
CA PRO A 9 -8.65 -10.93 -9.31
C PRO A 9 -10.16 -11.04 -9.42
N PHE A 10 -10.85 -11.36 -8.32
CA PHE A 10 -12.32 -11.50 -8.38
C PHE A 10 -13.07 -10.21 -8.67
N SER A 11 -12.69 -9.10 -8.05
CA SER A 11 -13.45 -7.85 -8.25
C SER A 11 -12.57 -6.65 -7.84
N ALA A 12 -12.67 -5.55 -8.58
CA ALA A 12 -11.95 -4.32 -8.29
C ALA A 12 -12.62 -3.48 -7.19
N ARG A 13 -13.82 -3.90 -6.71
CA ARG A 13 -14.55 -3.11 -5.69
C ARG A 13 -13.78 -3.16 -4.37
N GLY A 14 -13.47 -2.00 -3.77
CA GLY A 14 -12.79 -1.99 -2.49
C GLY A 14 -13.68 -1.66 -1.31
N ASP A 15 -15.00 -1.62 -1.51
CA ASP A 15 -16.00 -1.42 -0.45
C ASP A 15 -16.69 -2.72 -0.04
N ARG A 16 -16.52 -3.84 -0.74
CA ARG A 16 -17.05 -5.09 -0.22
C ARG A 16 -16.18 -6.28 -0.62
N ILE A 17 -16.14 -7.30 0.25
CA ILE A 17 -15.38 -8.51 -0.09
C ILE A 17 -16.37 -9.50 -0.75
N PRO A 18 -15.99 -10.12 -1.88
CA PRO A 18 -16.94 -11.07 -2.50
C PRO A 18 -17.25 -12.31 -1.61
N ASP A 19 -18.46 -12.86 -1.67
CA ASP A 19 -18.79 -14.04 -0.88
C ASP A 19 -17.89 -15.16 -1.30
N ALA A 20 -17.39 -15.12 -2.54
CA ALA A 20 -16.48 -16.15 -3.00
C ALA A 20 -15.22 -16.38 -2.14
N VAL A 21 -14.70 -15.33 -1.52
CA VAL A 21 -13.53 -15.48 -0.66
C VAL A 21 -13.79 -16.50 0.51
N ALA A 22 -14.90 -16.35 1.23
CA ALA A 22 -15.18 -17.17 2.40
C ALA A 22 -15.36 -18.62 1.97
N GLU A 23 -16.02 -18.81 0.83
CA GLU A 23 -16.19 -20.13 0.20
C GLU A 23 -14.88 -20.76 -0.22
N LEU A 24 -13.98 -19.96 -0.79
CA LEU A 24 -12.66 -20.50 -1.11
C LEU A 24 -11.96 -20.92 0.16
N ARG A 25 -12.00 -20.03 1.16
CA ARG A 25 -11.18 -20.25 2.35
C ARG A 25 -11.69 -21.51 3.06
N THR A 26 -13.00 -21.68 3.17
CA THR A 26 -13.59 -22.88 3.81
C THR A 26 -13.30 -24.11 2.99
N ARG A 27 -13.46 -24.08 1.65
CA ARG A 27 -13.36 -25.33 0.88
C ARG A 27 -11.97 -25.61 0.39
N GLU A 28 -11.19 -24.57 0.07
CA GLU A 28 -9.95 -24.80 -0.62
C GLU A 28 -8.96 -23.66 -0.34
N PRO A 29 -8.38 -23.60 0.89
CA PRO A 29 -7.65 -22.41 1.28
C PRO A 29 -6.35 -22.25 0.50
N ILE A 30 -5.96 -23.28 -0.24
CA ILE A 30 -4.95 -23.09 -1.25
C ILE A 30 -5.46 -23.71 -2.55
N ARG A 31 -5.55 -22.91 -3.60
CA ARG A 31 -6.08 -23.42 -4.85
C ARG A 31 -5.63 -22.74 -6.13
N LYS A 32 -5.70 -23.49 -7.23
CA LYS A 32 -5.04 -23.06 -8.47
C LYS A 32 -5.94 -22.00 -9.11
N VAL A 33 -5.33 -20.95 -9.60
CA VAL A 33 -6.10 -19.92 -10.31
C VAL A 33 -5.29 -19.48 -11.51
N ARG A 34 -5.88 -18.64 -12.34
CA ARG A 34 -5.20 -18.08 -13.52
C ARG A 34 -5.08 -16.57 -13.39
N THR A 35 -3.90 -16.04 -13.67
CA THR A 35 -3.68 -14.58 -13.50
C THR A 35 -3.92 -13.92 -14.84
N ILE A 36 -3.97 -12.57 -14.84
CA ILE A 36 -4.24 -11.79 -16.04
C ILE A 36 -3.23 -12.04 -17.12
N THR A 37 -2.06 -12.56 -16.79
CA THR A 37 -1.11 -12.85 -17.86
C THR A 37 -1.34 -14.22 -18.53
N GLY A 38 -2.33 -14.98 -18.04
CA GLY A 38 -2.51 -16.36 -18.46
C GLY A 38 -1.73 -17.42 -17.69
N ALA A 39 -0.80 -17.03 -16.83
CA ALA A 39 -0.16 -17.95 -15.89
C ALA A 39 -1.12 -18.55 -14.82
N GLU A 40 -0.79 -19.76 -14.43
CA GLU A 40 -1.44 -20.43 -13.28
C GLU A 40 -0.70 -20.03 -12.01
N ALA A 41 -1.43 -20.01 -10.90
CA ALA A 41 -0.83 -19.69 -9.59
C ALA A 41 -1.65 -20.38 -8.48
N TRP A 42 -1.05 -20.54 -7.28
CA TRP A 42 -1.78 -20.97 -6.10
C TRP A 42 -2.25 -19.78 -5.32
N LEU A 43 -3.56 -19.66 -5.19
CA LEU A 43 -4.16 -18.61 -4.42
C LEU A 43 -4.35 -19.16 -2.97
N VAL A 44 -3.74 -18.47 -1.99
CA VAL A 44 -3.76 -18.86 -0.56
C VAL A 44 -4.65 -17.90 0.18
N SER A 45 -5.74 -18.40 0.78
CA SER A 45 -6.80 -17.54 1.34
C SER A 45 -7.11 -17.71 2.86
N SER A 46 -6.39 -18.58 3.56
CA SER A 46 -6.58 -18.65 5.03
C SER A 46 -5.44 -17.96 5.79
N TYR A 47 -5.80 -17.49 6.99
CA TYR A 47 -4.82 -16.88 7.88
C TYR A 47 -3.59 -17.79 8.06
N ALA A 48 -3.86 -19.07 8.34
CA ALA A 48 -2.76 -20.00 8.67
C ALA A 48 -1.87 -20.24 7.44
N LEU A 49 -2.45 -20.43 6.26
CA LEU A 49 -1.59 -20.71 5.12
C LEU A 49 -0.93 -19.41 4.65
N CYS A 50 -1.62 -18.28 4.77
CA CYS A 50 -1.03 -17.04 4.33
C CYS A 50 0.21 -16.72 5.14
N THR A 51 0.08 -16.90 6.48
CA THR A 51 1.24 -16.69 7.38
C THR A 51 2.36 -17.68 7.06
N GLN A 52 2.01 -18.94 6.81
CA GLN A 52 3.05 -19.96 6.52
C GLN A 52 3.86 -19.54 5.30
N VAL A 53 3.17 -19.07 4.24
CA VAL A 53 3.89 -18.68 3.00
C VAL A 53 4.74 -17.40 3.25
N LEU A 54 4.14 -16.39 3.88
CA LEU A 54 4.94 -15.16 4.10
C LEU A 54 6.16 -15.37 5.05
N GLU A 55 6.09 -16.37 5.95
CA GLU A 55 7.25 -16.61 6.87
C GLU A 55 8.32 -17.54 6.35
N ASP A 56 8.13 -18.07 5.14
CA ASP A 56 9.06 -19.06 4.62
C ASP A 56 9.71 -18.41 3.41
N ARG A 57 10.97 -18.00 3.59
CA ARG A 57 11.71 -17.23 2.59
C ARG A 57 11.98 -18.02 1.29
N ARG A 58 11.84 -19.36 1.37
CA ARG A 58 11.90 -20.21 0.19
C ARG A 58 10.77 -19.85 -0.83
N PHE A 59 9.69 -19.21 -0.37
CA PHE A 59 8.75 -18.52 -1.24
C PHE A 59 9.34 -17.11 -1.41
N SER A 60 10.01 -16.92 -2.54
CA SER A 60 10.85 -15.73 -2.76
C SER A 60 10.11 -14.59 -3.46
N MET A 61 10.21 -13.41 -2.89
CA MET A 61 9.74 -12.20 -3.60
C MET A 61 10.67 -11.92 -4.80
N LYS A 62 11.96 -11.91 -4.52
CA LYS A 62 12.98 -11.63 -5.55
C LYS A 62 12.88 -12.55 -6.80
N GLU A 63 12.66 -13.85 -6.62
CA GLU A 63 12.58 -14.78 -7.77
C GLU A 63 11.37 -14.59 -8.68
N THR A 64 10.33 -13.90 -8.20
CA THR A 64 9.23 -13.49 -9.08
C THR A 64 9.66 -12.74 -10.38
N ALA A 65 10.79 -12.02 -10.30
CA ALA A 65 11.29 -11.22 -11.43
C ALA A 65 12.14 -12.07 -12.40
N ALA A 66 12.36 -13.35 -12.10
CA ALA A 66 13.14 -14.23 -12.97
C ALA A 66 12.48 -14.37 -14.40
N ALA A 67 13.34 -14.39 -15.44
CA ALA A 67 12.86 -14.46 -16.81
C ALA A 67 12.17 -15.81 -16.99
N GLY A 68 10.94 -15.83 -17.49
CA GLY A 68 10.32 -17.13 -17.82
C GLY A 68 9.47 -17.69 -16.68
N ALA A 69 9.44 -16.98 -15.53
CA ALA A 69 8.62 -17.35 -14.41
C ALA A 69 7.13 -17.14 -14.71
N PRO A 70 6.25 -17.97 -14.13
CA PRO A 70 4.83 -17.56 -14.18
C PRO A 70 4.67 -16.23 -13.47
N ARG A 71 3.93 -15.30 -14.10
CA ARG A 71 3.78 -13.91 -13.64
C ARG A 71 2.33 -13.56 -13.23
N LEU A 72 2.18 -12.89 -12.09
CA LEU A 72 0.93 -12.24 -11.75
C LEU A 72 0.60 -11.12 -12.75
N ASN A 73 1.61 -10.32 -13.06
CA ASN A 73 1.47 -9.16 -13.95
C ASN A 73 2.87 -8.80 -14.48
N ALA A 74 2.93 -7.78 -15.30
CA ALA A 74 4.17 -7.34 -15.88
C ALA A 74 4.96 -6.44 -14.92
N LEU A 75 6.27 -6.58 -14.89
CA LEU A 75 7.12 -5.62 -14.20
C LEU A 75 6.85 -4.20 -14.71
N THR A 76 6.69 -3.25 -13.80
CA THR A 76 6.67 -1.85 -14.14
C THR A 76 7.99 -1.15 -13.69
N VAL A 77 8.89 -1.94 -13.09
CA VAL A 77 10.25 -1.53 -12.69
C VAL A 77 11.36 -2.45 -13.26
N PRO A 78 12.64 -2.01 -13.26
CA PRO A 78 13.70 -2.95 -13.67
C PRO A 78 13.66 -4.19 -12.76
N PRO A 79 14.01 -5.39 -13.30
CA PRO A 79 13.90 -6.64 -12.49
C PRO A 79 14.64 -6.55 -11.15
N GLU A 80 15.79 -5.90 -11.11
CA GLU A 80 16.56 -5.79 -9.85
C GLU A 80 15.84 -4.98 -8.77
N VAL A 81 14.97 -4.05 -9.17
CA VAL A 81 14.23 -3.23 -8.23
C VAL A 81 13.17 -4.06 -7.45
N VAL A 82 12.78 -5.21 -7.99
CA VAL A 82 11.92 -6.13 -7.26
C VAL A 82 12.58 -6.58 -5.94
N ASN A 83 13.91 -6.79 -5.93
CA ASN A 83 14.66 -7.05 -4.73
C ASN A 83 15.06 -5.77 -3.93
N ASN A 84 14.24 -4.73 -3.95
CA ASN A 84 14.63 -3.37 -3.51
C ASN A 84 15.17 -3.36 -2.07
N MET A 85 14.39 -3.92 -1.14
CA MET A 85 14.83 -4.00 0.26
C MET A 85 16.09 -4.84 0.47
N GLY A 86 16.17 -5.99 -0.19
CA GLY A 86 17.46 -6.75 -0.28
C GLY A 86 18.65 -5.91 -0.75
N ASN A 87 18.48 -5.10 -1.81
CA ASN A 87 19.53 -4.17 -2.25
C ASN A 87 19.87 -3.08 -1.21
N ILE A 88 18.85 -2.50 -0.60
CA ILE A 88 19.07 -1.57 0.45
C ILE A 88 19.90 -2.18 1.60
N ALA A 89 19.49 -3.37 2.08
CA ALA A 89 20.21 -4.03 3.16
C ALA A 89 21.63 -4.37 2.74
N ASP A 90 21.82 -4.89 1.53
CA ASP A 90 23.22 -5.19 1.15
C ASP A 90 24.06 -3.93 1.08
N ALA A 91 23.46 -2.79 0.75
CA ALA A 91 24.22 -1.56 0.69
C ALA A 91 24.55 -1.00 2.10
N GLY A 92 24.02 -1.64 3.15
CA GLY A 92 24.16 -1.14 4.52
C GLY A 92 23.31 0.09 4.83
N LEU A 93 22.21 0.27 4.09
CA LEU A 93 21.34 1.47 4.15
C LEU A 93 20.03 1.28 4.91
N ARG A 94 19.73 0.04 5.30
CA ARG A 94 18.50 -0.34 6.03
C ARG A 94 18.17 0.57 7.25
N LYS A 95 19.07 0.63 8.21
CA LYS A 95 18.81 1.40 9.45
C LYS A 95 18.60 2.89 9.12
N ALA A 96 19.43 3.38 8.18
CA ALA A 96 19.32 4.79 7.78
C ALA A 96 17.97 5.12 7.09
N VAL A 97 17.45 4.22 6.27
CA VAL A 97 16.19 4.50 5.57
C VAL A 97 15.05 4.42 6.56
N MET A 98 15.11 3.41 7.40
CA MET A 98 14.05 3.18 8.39
C MET A 98 13.98 4.36 9.34
N LYS A 99 15.15 4.88 9.74
CA LYS A 99 15.22 6.00 10.68
C LYS A 99 14.65 7.28 10.04
N ALA A 100 14.80 7.40 8.72
CA ALA A 100 14.37 8.60 8.04
C ALA A 100 12.87 8.56 7.81
N ILE A 101 12.22 7.41 7.88
CA ILE A 101 10.78 7.39 7.64
C ILE A 101 9.87 7.17 8.85
N THR A 102 10.37 7.30 10.10
CA THR A 102 9.45 7.27 11.27
C THR A 102 8.52 8.47 11.34
N PRO A 103 7.26 8.26 11.76
CA PRO A 103 6.39 9.43 11.92
C PRO A 103 6.86 10.34 13.08
N LYS A 104 7.82 9.83 13.86
CA LYS A 104 8.31 10.53 15.04
C LYS A 104 9.41 11.59 14.76
N ALA A 105 9.78 11.89 13.50
CA ALA A 105 10.70 13.02 13.24
C ALA A 105 10.12 14.29 13.92
N PRO A 106 11.00 15.19 14.47
CA PRO A 106 10.58 16.54 14.93
C PRO A 106 9.59 17.18 13.98
N GLY A 107 8.42 17.56 14.51
CA GLY A 107 7.45 18.39 13.76
C GLY A 107 6.71 17.75 12.58
N LEU A 108 7.08 16.52 12.25
CA LEU A 108 6.39 15.77 11.21
C LEU A 108 4.85 15.61 11.50
N GLU A 109 4.49 15.07 12.66
CA GLU A 109 3.07 14.93 12.99
C GLU A 109 2.29 16.26 12.94
N GLN A 110 2.96 17.33 13.37
CA GLN A 110 2.38 18.69 13.37
C GLN A 110 2.20 19.15 11.95
N PHE A 111 3.20 18.87 11.11
CA PHE A 111 3.02 19.11 9.69
C PHE A 111 1.77 18.38 9.11
N LEU A 112 1.60 17.09 9.45
CA LEU A 112 0.47 16.31 8.93
C LEU A 112 -0.84 16.91 9.35
N ARG A 113 -0.95 17.18 10.64
CA ARG A 113 -2.13 17.86 11.16
C ARG A 113 -2.42 19.23 10.48
N ASP A 114 -1.38 20.07 10.37
CA ASP A 114 -1.58 21.35 9.68
C ASP A 114 -2.04 21.14 8.21
N THR A 115 -1.37 20.22 7.51
CA THR A 115 -1.72 19.96 6.13
C THR A 115 -3.17 19.43 6.04
N ALA A 116 -3.56 18.51 6.93
CA ALA A 116 -4.89 17.86 6.83
C ALA A 116 -5.95 18.95 7.06
N ASN A 117 -5.65 19.83 8.01
CA ASN A 117 -6.61 20.89 8.40
C ASN A 117 -6.80 21.91 7.35
N SER A 118 -5.69 22.34 6.79
CA SER A 118 -5.76 23.28 5.68
C SER A 118 -6.56 22.71 4.42
N LEU A 119 -6.24 21.47 4.00
CA LEU A 119 -6.99 20.75 2.91
C LEU A 119 -8.49 20.75 3.20
N LEU A 120 -8.86 20.37 4.42
CA LEU A 120 -10.25 20.34 4.85
C LEU A 120 -10.88 21.76 4.87
N ASP A 121 -10.16 22.78 5.40
CA ASP A 121 -10.69 24.14 5.36
C ASP A 121 -11.05 24.51 3.93
N ASN A 122 -10.13 24.27 3.01
CA ASN A 122 -10.33 24.62 1.60
C ASN A 122 -11.59 23.96 0.99
N LEU A 123 -11.77 22.65 1.27
CA LEU A 123 -12.95 21.91 0.85
C LEU A 123 -14.19 22.57 1.43
N ILE A 124 -14.15 22.92 2.73
CA ILE A 124 -15.33 23.49 3.41
C ILE A 124 -15.69 24.87 2.81
N THR A 125 -14.66 25.63 2.50
CA THR A 125 -14.80 26.90 1.83
C THR A 125 -15.34 26.73 0.41
N GLU A 126 -14.86 25.76 -0.35
CA GLU A 126 -15.40 25.63 -1.68
C GLU A 126 -16.88 25.18 -1.66
N GLY A 127 -17.32 24.53 -0.58
CA GLY A 127 -18.68 23.99 -0.53
C GLY A 127 -18.83 22.56 -1.08
N ALA A 128 -19.77 21.80 -0.51
CA ALA A 128 -20.07 20.43 -0.99
C ALA A 128 -20.66 20.36 -2.43
N PRO A 129 -20.39 19.29 -3.19
CA PRO A 129 -19.66 18.08 -2.82
C PRO A 129 -18.15 18.28 -2.93
N ALA A 130 -17.39 17.48 -2.21
CA ALA A 130 -15.95 17.57 -2.23
C ALA A 130 -15.48 16.16 -2.61
N ASP A 131 -14.29 16.05 -3.18
CA ASP A 131 -13.76 14.77 -3.55
C ASP A 131 -12.65 14.43 -2.49
N LEU A 132 -12.96 13.53 -1.56
CA LEU A 132 -12.04 13.22 -0.48
C LEU A 132 -10.79 12.45 -0.95
N ARG A 133 -10.87 11.93 -2.17
CA ARG A 133 -9.69 11.32 -2.73
C ARG A 133 -8.75 12.34 -3.37
N ASN A 134 -9.19 12.97 -4.45
CA ASN A 134 -8.29 13.85 -5.17
C ASN A 134 -7.95 15.11 -4.36
N ASP A 135 -8.85 15.59 -3.52
CA ASP A 135 -8.60 16.84 -2.83
C ASP A 135 -8.40 16.66 -1.33
N PHE A 136 -8.19 15.43 -0.86
CA PHE A 136 -7.85 15.22 0.55
C PHE A 136 -6.80 14.14 0.72
N ALA A 137 -7.18 12.91 0.49
CA ALA A 137 -6.33 11.81 0.82
C ALA A 137 -5.00 11.85 0.06
N ASP A 138 -5.06 12.08 -1.26
CA ASP A 138 -3.86 12.03 -2.07
C ASP A 138 -2.92 13.22 -1.88
N PRO A 139 -3.46 14.46 -1.90
CA PRO A 139 -2.65 15.64 -1.50
C PRO A 139 -2.05 15.45 -0.07
N LEU A 140 -2.80 14.88 0.86
CA LEU A 140 -2.24 14.59 2.19
C LEU A 140 -1.04 13.61 2.14
N ALA A 141 -1.22 12.49 1.43
CA ALA A 141 -0.20 11.47 1.27
C ALA A 141 1.00 12.04 0.53
N THR A 142 0.75 12.84 -0.51
CA THR A 142 1.81 13.45 -1.28
C THR A 142 2.62 14.50 -0.48
N ALA A 143 1.93 15.43 0.20
CA ALA A 143 2.59 16.39 1.05
C ALA A 143 3.50 15.70 2.11
N LEU A 144 3.00 14.64 2.77
CA LEU A 144 3.72 13.88 3.81
C LEU A 144 5.02 13.28 3.23
N HIS A 145 4.90 12.66 2.06
CA HIS A 145 6.05 12.05 1.43
C HIS A 145 7.11 12.97 0.94
N CYS A 146 6.69 14.13 0.44
CA CYS A 146 7.64 15.19 0.10
C CYS A 146 8.42 15.64 1.36
N LYS A 147 7.73 15.93 2.45
CA LYS A 147 8.40 16.30 3.71
C LYS A 147 9.34 15.16 4.17
N VAL A 148 8.85 13.93 4.20
CA VAL A 148 9.69 12.80 4.58
C VAL A 148 10.92 12.67 3.66
N LEU A 149 10.74 12.88 2.35
CA LEU A 149 11.91 12.73 1.45
C LEU A 149 12.87 13.92 1.59
N GLY A 150 12.33 15.05 2.04
CA GLY A 150 13.10 16.31 2.03
C GLY A 150 13.03 17.08 0.71
N ILE A 151 12.02 16.82 -0.12
CA ILE A 151 11.96 17.42 -1.44
C ILE A 151 10.90 18.50 -1.46
N PRO A 152 11.00 19.43 -2.40
CA PRO A 152 10.05 20.49 -2.36
C PRO A 152 8.60 20.02 -2.50
N GLN A 153 7.75 20.60 -1.67
CA GLN A 153 6.33 20.31 -1.67
C GLN A 153 5.79 20.45 -3.10
N GLU A 154 6.28 21.44 -3.82
CA GLU A 154 5.73 21.74 -5.13
C GLU A 154 6.10 20.73 -6.20
N ASP A 155 7.18 19.96 -5.99
CA ASP A 155 7.54 18.81 -6.84
C ASP A 155 6.62 17.56 -6.65
N GLY A 156 5.70 17.58 -5.69
CA GLY A 156 4.89 16.42 -5.33
C GLY A 156 3.92 16.04 -6.45
N PRO A 157 3.12 16.98 -6.93
CA PRO A 157 2.20 16.73 -8.03
C PRO A 157 2.89 16.16 -9.29
N LYS A 158 4.02 16.71 -9.68
CA LYS A 158 4.72 16.14 -10.86
C LYS A 158 5.08 14.65 -10.61
N LEU A 159 5.65 14.33 -9.43
CA LEU A 159 5.96 12.93 -9.16
C LEU A 159 4.69 12.07 -9.05
N PHE A 160 3.64 12.64 -8.48
CA PHE A 160 2.38 11.93 -8.24
C PHE A 160 1.76 11.41 -9.57
N ARG A 161 1.72 12.30 -10.55
CA ARG A 161 1.33 11.99 -11.94
C ARG A 161 1.82 10.63 -12.51
N SER A 162 2.99 10.13 -12.13
CA SER A 162 3.45 8.83 -12.60
C SER A 162 2.64 7.66 -12.05
N LEU A 163 2.00 7.84 -10.89
CA LEU A 163 1.51 6.71 -10.09
C LEU A 163 0.34 5.88 -10.67
N SER A 164 -0.53 6.55 -11.44
CA SER A 164 -1.71 5.89 -12.04
C SER A 164 -1.28 4.87 -13.11
N ILE A 165 -0.01 4.96 -13.51
CA ILE A 165 0.64 4.07 -14.48
C ILE A 165 1.68 3.18 -13.77
N ALA A 166 2.49 3.78 -12.90
CA ALA A 166 3.53 3.04 -12.20
C ALA A 166 3.02 1.80 -11.41
N PHE A 167 1.82 1.93 -10.81
CA PHE A 167 1.24 0.87 -9.98
C PHE A 167 0.13 0.10 -10.68
N MET A 168 0.14 0.16 -12.02
CA MET A 168 -0.77 -0.65 -12.80
C MET A 168 -0.49 -2.12 -12.58
N SER A 169 -1.56 -2.92 -12.65
CA SER A 169 -1.45 -4.38 -12.63
C SER A 169 -1.88 -4.89 -14.01
N SER A 170 -0.89 -5.04 -14.88
CA SER A 170 -1.06 -5.20 -16.33
C SER A 170 -0.57 -6.58 -16.82
N ALA A 171 -1.30 -7.16 -17.79
CA ALA A 171 -0.81 -8.36 -18.42
C ALA A 171 0.49 -8.15 -19.20
N ASP A 172 0.72 -6.94 -19.71
CA ASP A 172 1.89 -6.73 -20.59
C ASP A 172 2.73 -5.55 -20.14
N PRO A 173 4.02 -5.51 -20.52
CA PRO A 173 4.82 -4.28 -20.25
C PRO A 173 4.11 -2.98 -20.70
N ILE A 174 4.34 -1.90 -19.95
CA ILE A 174 3.69 -0.61 -20.17
C ILE A 174 4.78 0.38 -20.62
N PRO A 175 4.75 0.78 -21.92
CA PRO A 175 5.78 1.79 -22.36
C PRO A 175 5.83 3.06 -21.46
N ALA A 176 4.66 3.59 -21.08
CA ALA A 176 4.65 4.75 -20.23
C ALA A 176 5.34 4.52 -18.87
N ALA A 177 5.32 3.28 -18.34
CA ALA A 177 5.95 3.04 -17.03
C ALA A 177 7.45 3.25 -17.17
N LYS A 178 8.04 2.81 -18.26
CA LYS A 178 9.44 3.06 -18.48
C LYS A 178 9.77 4.56 -18.68
N ILE A 179 8.95 5.29 -19.47
CA ILE A 179 9.16 6.73 -19.63
C ILE A 179 9.14 7.42 -18.26
N ASN A 180 8.11 7.12 -17.48
CA ASN A 180 7.94 7.77 -16.18
C ASN A 180 9.04 7.37 -15.22
N TRP A 181 9.40 6.08 -15.23
CA TRP A 181 10.47 5.59 -14.35
C TRP A 181 11.79 6.30 -14.58
N ASP A 182 12.24 6.35 -15.84
CA ASP A 182 13.52 6.98 -16.18
C ASP A 182 13.49 8.43 -15.82
N ARG A 183 12.34 9.05 -16.05
CA ARG A 183 12.16 10.47 -15.75
C ARG A 183 12.26 10.73 -14.24
N ASP A 184 11.52 9.99 -13.44
CA ASP A 184 11.60 10.09 -11.99
C ASP A 184 12.94 9.75 -11.42
N ILE A 185 13.64 8.75 -12.03
CA ILE A 185 15.01 8.45 -11.66
C ILE A 185 15.96 9.68 -11.88
N GLU A 186 15.82 10.37 -13.02
CA GLU A 186 16.62 11.57 -13.27
CA GLU A 186 16.59 11.59 -13.31
C GLU A 186 16.30 12.68 -12.27
N TYR A 187 15.02 12.81 -11.91
CA TYR A 187 14.64 13.78 -10.90
C TYR A 187 15.42 13.52 -9.59
N MET A 188 15.39 12.26 -9.12
CA MET A 188 15.99 11.89 -7.83
C MET A 188 17.52 11.99 -7.89
N ALA A 189 18.13 11.66 -9.03
CA ALA A 189 19.58 11.86 -9.22
C ALA A 189 19.87 13.37 -9.11
N GLY A 190 18.99 14.20 -9.68
CA GLY A 190 19.18 15.65 -9.53
C GLY A 190 19.17 16.05 -8.05
N ILE A 191 18.20 15.51 -7.30
CA ILE A 191 18.04 15.80 -5.88
C ILE A 191 19.34 15.47 -5.05
N LEU A 192 19.95 14.33 -5.31
CA LEU A 192 21.21 13.92 -4.68
C LEU A 192 22.39 14.91 -4.93
N GLU A 193 22.35 15.59 -6.09
CA GLU A 193 23.35 16.58 -6.50
C GLU A 193 22.98 17.96 -5.99
N ASN A 194 21.77 18.14 -5.50
CA ASN A 194 21.26 19.46 -5.26
C ASN A 194 21.58 19.90 -3.85
N PRO A 195 22.34 21.03 -3.71
CA PRO A 195 22.86 21.39 -2.38
C PRO A 195 21.77 21.82 -1.40
N ASN A 196 20.60 22.24 -1.87
CA ASN A 196 19.52 22.67 -0.99
C ASN A 196 18.79 21.58 -0.28
N ILE A 197 19.09 20.33 -0.65
CA ILE A 197 18.34 19.20 -0.14
C ILE A 197 19.15 18.54 0.96
N THR A 198 18.80 18.86 2.21
CA THR A 198 19.66 18.51 3.35
C THR A 198 18.86 17.85 4.45
N THR A 199 17.53 17.78 4.29
CA THR A 199 16.68 17.10 5.29
C THR A 199 15.99 15.85 4.71
N GLY A 200 15.38 15.09 5.63
CA GLY A 200 14.64 13.87 5.32
C GLY A 200 15.50 12.81 4.66
N LEU A 201 14.81 11.89 4.00
CA LEU A 201 15.48 10.70 3.43
C LEU A 201 16.50 11.10 2.36
N MET A 202 16.11 11.98 1.44
CA MET A 202 17.06 12.35 0.37
C MET A 202 18.28 13.15 0.91
N GLY A 203 18.02 14.08 1.84
CA GLY A 203 19.09 14.69 2.63
C GLY A 203 20.04 13.65 3.24
N GLU A 204 19.49 12.61 3.89
CA GLU A 204 20.35 11.60 4.52
C GLU A 204 21.12 10.82 3.46
N LEU A 205 20.40 10.44 2.39
CA LEU A 205 21.03 9.67 1.30
C LEU A 205 22.11 10.50 0.62
N SER A 206 21.91 11.81 0.42
CA SER A 206 22.99 12.62 -0.16
C SER A 206 24.23 12.65 0.68
N ARG A 207 24.11 12.69 2.01
CA ARG A 207 25.30 12.63 2.89
C ARG A 207 26.00 11.25 2.86
N LEU A 208 25.20 10.20 2.96
CA LEU A 208 25.78 8.82 2.96
C LEU A 208 26.51 8.57 1.67
N ARG A 209 25.95 9.05 0.58
CA ARG A 209 26.60 8.91 -0.72
C ARG A 209 28.03 9.50 -0.77
N LYS A 210 28.31 10.59 -0.05
CA LYS A 210 29.68 11.16 -0.02
C LYS A 210 30.55 10.64 1.13
N ASP A 211 29.96 9.74 1.91
CA ASP A 211 30.65 9.14 3.01
C ASP A 211 31.46 7.96 2.48
N PRO A 212 32.75 7.90 2.85
CA PRO A 212 33.60 6.86 2.29
C PRO A 212 33.12 5.47 2.64
N ALA A 213 32.45 5.26 3.76
CA ALA A 213 31.93 3.92 4.00
C ALA A 213 30.85 3.47 2.97
N TYR A 214 30.42 4.33 2.03
CA TYR A 214 29.31 4.02 1.08
C TYR A 214 29.71 4.33 -0.33
N SER A 215 31.00 4.53 -0.49
CA SER A 215 31.53 4.99 -1.71
C SER A 215 31.34 3.93 -2.81
N HIS A 216 31.17 2.65 -2.51
CA HIS A 216 30.89 1.71 -3.60
C HIS A 216 29.43 1.41 -3.86
N VAL A 217 28.54 2.04 -3.10
CA VAL A 217 27.13 1.97 -3.38
C VAL A 217 26.82 2.73 -4.68
N SER A 218 26.05 2.12 -5.59
CA SER A 218 25.86 2.77 -6.89
C SER A 218 24.86 3.92 -6.78
N ASP A 219 25.11 4.95 -7.58
CA ASP A 219 24.20 6.08 -7.74
C ASP A 219 22.79 5.71 -8.17
N GLU A 220 22.67 4.63 -8.94
CA GLU A 220 21.36 4.11 -9.36
C GLU A 220 20.55 3.62 -8.13
N LEU A 221 21.18 2.94 -7.20
CA LEU A 221 20.48 2.58 -5.99
C LEU A 221 19.97 3.79 -5.15
N PHE A 222 20.83 4.77 -4.92
CA PHE A 222 20.40 5.98 -4.21
C PHE A 222 19.17 6.66 -4.87
N ALA A 223 19.19 6.80 -6.20
CA ALA A 223 18.02 7.37 -6.88
C ALA A 223 16.76 6.48 -6.77
N THR A 224 16.98 5.16 -6.89
CA THR A 224 15.90 4.16 -6.85
C THR A 224 15.16 4.20 -5.52
N ILE A 225 15.95 4.34 -4.44
CA ILE A 225 15.36 4.45 -3.12
C ILE A 225 14.39 5.62 -3.05
N GLY A 226 14.81 6.78 -3.57
CA GLY A 226 13.91 7.94 -3.65
C GLY A 226 12.59 7.70 -4.37
N VAL A 227 12.68 7.17 -5.60
CA VAL A 227 11.51 6.97 -6.49
C VAL A 227 10.56 5.96 -5.81
N THR A 228 11.12 4.79 -5.43
CA THR A 228 10.36 3.67 -4.90
C THR A 228 9.67 4.01 -3.58
N PHE A 229 10.39 4.72 -2.69
CA PHE A 229 9.83 5.00 -1.38
C PHE A 229 8.79 6.07 -1.53
N PHE A 230 9.04 7.04 -2.38
CA PHE A 230 7.95 7.99 -2.74
C PHE A 230 6.68 7.27 -3.30
N GLY A 231 6.89 6.42 -4.31
CA GLY A 231 5.78 5.73 -5.04
C GLY A 231 4.98 4.79 -4.17
N ALA A 232 5.68 3.85 -3.55
CA ALA A 232 5.06 2.88 -2.65
C ALA A 232 4.30 3.58 -1.49
N GLY A 233 4.94 4.57 -0.86
CA GLY A 233 4.39 5.33 0.28
C GLY A 233 3.16 6.15 -0.09
N VAL A 234 3.23 6.90 -1.19
CA VAL A 234 2.10 7.73 -1.59
C VAL A 234 0.91 6.85 -2.04
N ILE A 235 1.21 5.83 -2.86
CA ILE A 235 0.12 5.01 -3.37
C ILE A 235 -0.54 4.25 -2.25
N SER A 236 0.27 3.74 -1.31
CA SER A 236 -0.25 2.88 -0.25
C SER A 236 -1.06 3.70 0.78
N THR A 237 -0.58 4.88 1.17
CA THR A 237 -1.24 5.66 2.21
C THR A 237 -2.46 6.33 1.65
N GLY A 238 -2.34 6.85 0.42
CA GLY A 238 -3.48 7.52 -0.24
C GLY A 238 -4.63 6.53 -0.44
N SER A 239 -4.30 5.35 -0.99
CA SER A 239 -5.31 4.32 -1.23
C SER A 239 -5.90 3.85 0.06
N PHE A 240 -5.04 3.46 1.02
CA PHE A 240 -5.59 3.07 2.33
C PHE A 240 -6.50 4.11 2.94
N LEU A 241 -6.11 5.37 2.93
CA LEU A 241 -6.88 6.36 3.68
C LEU A 241 -8.22 6.51 2.96
N THR A 242 -8.17 6.65 1.61
CA THR A 242 -9.38 6.81 0.83
C THR A 242 -10.43 5.71 1.13
N THR A 243 -10.01 4.44 1.10
CA THR A 243 -10.94 3.32 1.30
C THR A 243 -11.31 3.14 2.76
N ALA A 244 -10.45 3.63 3.65
CA ALA A 244 -10.79 3.64 5.09
C ALA A 244 -11.89 4.70 5.41
N LEU A 245 -11.85 5.83 4.66
CA LEU A 245 -12.88 6.89 4.84
C LEU A 245 -14.26 6.41 4.43
N ILE A 246 -14.33 5.68 3.31
CA ILE A 246 -15.54 4.94 2.93
C ILE A 246 -16.01 3.99 4.06
N SER A 247 -15.14 3.12 4.58
CA SER A 247 -15.60 2.19 5.65
C SER A 247 -16.11 3.02 6.84
N LEU A 248 -15.44 4.10 7.15
CA LEU A 248 -15.86 4.97 8.23
C LEU A 248 -17.23 5.66 7.95
N ILE A 249 -17.36 6.29 6.76
CA ILE A 249 -18.57 6.99 6.38
C ILE A 249 -19.80 6.08 6.45
N GLN A 250 -19.64 4.83 6.01
CA GLN A 250 -20.70 3.81 6.07
C GLN A 250 -21.03 3.24 7.48
N ARG A 251 -20.39 3.73 8.53
CA ARG A 251 -20.67 3.31 9.93
C ARG A 251 -20.74 4.60 10.76
N PRO A 252 -21.85 5.33 10.66
CA PRO A 252 -22.02 6.54 11.48
C PRO A 252 -21.91 6.32 13.00
N GLN A 253 -22.23 5.11 13.50
CA GLN A 253 -22.06 4.77 14.95
C GLN A 253 -20.58 4.77 15.41
N LEU A 254 -19.73 4.08 14.65
CA LEU A 254 -18.27 4.13 14.83
C LEU A 254 -17.71 5.54 14.65
N ARG A 255 -18.22 6.24 13.65
CA ARG A 255 -17.82 7.60 13.36
C ARG A 255 -18.14 8.52 14.56
N ASN A 256 -19.34 8.38 15.17
CA ASN A 256 -19.68 9.18 16.36
C ASN A 256 -18.86 8.80 17.56
N LEU A 257 -18.61 7.51 17.71
CA LEU A 257 -17.78 7.08 18.79
C LEU A 257 -16.38 7.66 18.67
N LEU A 258 -15.76 7.52 17.50
CA LEU A 258 -14.44 8.13 17.26
C LEU A 258 -14.46 9.68 17.38
N HIS A 259 -15.52 10.32 16.86
CA HIS A 259 -15.68 11.79 17.02
C HIS A 259 -15.64 12.13 18.50
N GLU A 260 -16.50 11.45 19.26
CA GLU A 260 -16.61 11.67 20.70
C GLU A 260 -15.44 11.14 21.56
N LYS A 261 -14.74 10.06 21.18
CA LYS A 261 -13.61 9.58 22.01
C LYS A 261 -12.37 9.33 21.12
N PRO A 262 -11.65 10.39 20.77
CA PRO A 262 -10.69 10.24 19.69
C PRO A 262 -9.48 9.48 20.13
N GLU A 263 -9.39 9.17 21.41
CA GLU A 263 -8.30 8.34 21.91
C GLU A 263 -8.48 6.86 21.42
N LEU A 264 -9.69 6.58 20.98
CA LEU A 264 -9.99 5.36 20.27
C LEU A 264 -9.56 5.34 18.77
N ILE A 265 -9.08 6.44 18.22
CA ILE A 265 -8.80 6.50 16.76
C ILE A 265 -7.69 5.49 16.37
N PRO A 266 -6.64 5.34 17.22
CA PRO A 266 -5.63 4.32 16.83
C PRO A 266 -6.20 2.87 16.77
N ALA A 267 -7.07 2.50 17.70
CA ALA A 267 -7.66 1.15 17.61
C ALA A 267 -8.61 1.07 16.40
N GLY A 268 -9.37 2.16 16.17
CA GLY A 268 -10.17 2.32 14.95
C GLY A 268 -9.32 2.08 13.69
N VAL A 269 -8.19 2.79 13.55
CA VAL A 269 -7.33 2.62 12.38
C VAL A 269 -6.81 1.14 12.22
N GLU A 270 -6.44 0.48 13.33
CA GLU A 270 -6.01 -0.91 13.25
C GLU A 270 -7.12 -1.83 12.70
N GLU A 271 -8.36 -1.66 13.13
CA GLU A 271 -9.49 -2.34 12.51
C GLU A 271 -9.73 -1.95 11.03
N LEU A 272 -9.56 -0.67 10.69
CA LEU A 272 -9.71 -0.26 9.29
C LEU A 272 -8.62 -0.88 8.44
N LEU A 273 -7.41 -1.01 9.00
CA LEU A 273 -6.32 -1.71 8.30
C LEU A 273 -6.69 -3.18 8.14
N ARG A 274 -7.16 -3.84 9.24
CA ARG A 274 -7.51 -5.26 9.13
C ARG A 274 -8.51 -5.49 7.98
N ILE A 275 -9.57 -4.67 7.90
CA ILE A 275 -10.63 -4.91 6.94
C ILE A 275 -10.39 -4.27 5.56
N ASN A 276 -9.22 -3.68 5.34
CA ASN A 276 -9.01 -2.86 4.14
C ASN A 276 -8.88 -3.78 2.89
N LEU A 277 -9.50 -3.36 1.79
CA LEU A 277 -9.27 -4.07 0.52
C LEU A 277 -8.36 -3.30 -0.47
N SER A 278 -7.55 -2.36 0.02
CA SER A 278 -6.75 -1.60 -0.92
C SER A 278 -5.80 -2.46 -1.76
N PHE A 279 -5.24 -3.56 -1.24
CA PHE A 279 -4.41 -4.40 -2.14
C PHE A 279 -5.28 -5.17 -3.11
N ALA A 280 -5.02 -4.96 -4.40
CA ALA A 280 -5.88 -5.50 -5.45
C ALA A 280 -5.57 -6.95 -5.83
N ASP A 281 -4.33 -7.36 -5.66
CA ASP A 281 -3.91 -8.73 -5.93
C ASP A 281 -3.27 -9.38 -4.67
N GLY A 282 -3.25 -10.70 -4.64
CA GLY A 282 -2.47 -11.39 -3.62
C GLY A 282 -1.02 -10.98 -3.74
N LEU A 283 -0.27 -11.05 -2.64
CA LEU A 283 1.19 -10.76 -2.66
C LEU A 283 1.92 -11.90 -3.37
N PRO A 284 2.72 -11.61 -4.42
CA PRO A 284 3.25 -12.79 -5.15
C PRO A 284 4.57 -13.28 -4.59
N ARG A 285 4.80 -14.59 -4.70
CA ARG A 285 6.01 -15.23 -4.30
C ARG A 285 6.29 -16.39 -5.26
N LEU A 286 7.56 -16.70 -5.49
CA LEU A 286 7.93 -17.85 -6.33
C LEU A 286 8.61 -18.94 -5.50
N ALA A 287 7.99 -20.13 -5.45
CA ALA A 287 8.57 -21.30 -4.77
C ALA A 287 9.97 -21.63 -5.30
N THR A 288 10.94 -21.73 -4.39
CA THR A 288 12.31 -22.06 -4.81
C THR A 288 12.62 -23.48 -4.38
N ALA A 289 11.60 -24.18 -3.88
CA ALA A 289 11.68 -25.57 -3.51
C ALA A 289 10.28 -26.18 -3.55
N ASP A 290 10.18 -27.51 -3.50
CA ASP A 290 8.88 -28.16 -3.37
C ASP A 290 8.47 -28.06 -1.89
N ILE A 291 7.31 -27.47 -1.59
CA ILE A 291 6.96 -27.17 -0.20
C ILE A 291 5.47 -27.49 -0.02
N GLN A 292 5.14 -28.32 0.97
CA GLN A 292 3.75 -28.60 1.34
C GLN A 292 3.06 -27.37 1.96
N VAL A 293 2.00 -26.92 1.32
CA VAL A 293 1.09 -25.90 1.87
C VAL A 293 -0.37 -26.46 1.95
N GLY A 294 -0.83 -26.71 3.19
CA GLY A 294 -2.10 -27.40 3.41
C GLY A 294 -2.14 -28.67 2.56
N ASP A 295 -3.22 -28.89 1.78
CA ASP A 295 -3.29 -30.12 0.91
C ASP A 295 -2.42 -30.14 -0.37
N VAL A 296 -1.63 -29.10 -0.60
CA VAL A 296 -0.98 -28.93 -1.87
C VAL A 296 0.53 -28.97 -1.70
N LEU A 297 1.19 -29.69 -2.59
CA LEU A 297 2.61 -29.67 -2.67
C LEU A 297 2.89 -28.70 -3.79
N VAL A 298 3.42 -27.51 -3.45
CA VAL A 298 3.75 -26.48 -4.43
C VAL A 298 5.13 -26.86 -5.00
N ARG A 299 5.29 -26.77 -6.32
CA ARG A 299 6.52 -27.28 -6.94
C ARG A 299 7.48 -26.12 -7.08
N LYS A 300 8.76 -26.42 -6.97
CA LYS A 300 9.76 -25.43 -7.31
C LYS A 300 9.42 -24.73 -8.65
N GLY A 301 9.57 -23.40 -8.68
CA GLY A 301 9.29 -22.63 -9.91
C GLY A 301 7.85 -22.13 -10.00
N GLU A 302 6.97 -22.52 -9.07
CA GLU A 302 5.54 -22.09 -9.17
C GLU A 302 5.26 -20.81 -8.45
N LEU A 303 4.20 -20.14 -8.90
CA LEU A 303 3.78 -18.84 -8.41
C LEU A 303 2.70 -19.04 -7.32
N VAL A 304 2.86 -18.33 -6.19
CA VAL A 304 1.89 -18.37 -5.10
C VAL A 304 1.40 -16.97 -4.87
N LEU A 305 0.09 -16.80 -4.72
CA LEU A 305 -0.47 -15.51 -4.39
C LEU A 305 -1.07 -15.51 -2.99
N VAL A 306 -0.56 -14.66 -2.09
CA VAL A 306 -1.03 -14.56 -0.70
C VAL A 306 -2.13 -13.54 -0.58
N LEU A 307 -3.38 -13.96 -0.38
CA LEU A 307 -4.47 -13.06 -0.42
C LEU A 307 -4.70 -12.40 0.96
N LEU A 308 -4.35 -11.12 1.07
CA LEU A 308 -4.35 -10.42 2.36
C LEU A 308 -5.74 -10.49 2.98
N GLU A 309 -6.77 -10.31 2.20
CA GLU A 309 -8.11 -10.22 2.82
C GLU A 309 -8.65 -11.61 3.12
N GLY A 310 -7.98 -12.65 2.56
CA GLY A 310 -8.31 -14.01 2.96
C GLY A 310 -7.91 -14.20 4.44
N ALA A 311 -6.69 -13.77 4.76
CA ALA A 311 -6.14 -13.86 6.16
C ALA A 311 -6.93 -12.97 7.09
N ASN A 312 -7.11 -11.72 6.64
CA ASN A 312 -7.68 -10.67 7.49
C ASN A 312 -9.18 -10.81 7.79
N PHE A 313 -9.92 -11.50 6.90
CA PHE A 313 -11.32 -11.87 7.14
C PHE A 313 -11.53 -13.32 7.61
N ASP A 314 -10.45 -14.02 7.96
CA ASP A 314 -10.56 -15.47 8.33
C ASP A 314 -11.19 -15.54 9.74
N PRO A 315 -12.39 -16.14 9.86
CA PRO A 315 -13.10 -16.09 11.12
C PRO A 315 -12.43 -16.98 12.18
N GLU A 316 -11.51 -17.85 11.77
CA GLU A 316 -10.86 -18.71 12.70
C GLU A 316 -9.88 -17.86 13.48
N HIS A 317 -9.44 -16.73 12.90
CA HIS A 317 -8.44 -15.84 13.54
C HIS A 317 -9.06 -14.56 14.03
N PHE A 318 -10.04 -14.04 13.28
CA PHE A 318 -10.75 -12.81 13.67
C PHE A 318 -12.28 -13.06 13.76
N PRO A 319 -12.81 -13.50 14.92
CA PRO A 319 -14.24 -13.84 14.91
C PRO A 319 -15.11 -12.68 14.47
N ASN A 320 -16.29 -12.99 13.92
CA ASN A 320 -17.07 -11.93 13.28
C ASN A 320 -16.18 -10.97 12.45
N PRO A 321 -15.42 -11.53 11.48
CA PRO A 321 -14.35 -10.77 10.73
C PRO A 321 -14.85 -9.51 10.02
N GLY A 322 -16.13 -9.47 9.69
CA GLY A 322 -16.69 -8.36 8.95
C GLY A 322 -17.03 -7.17 9.82
N SER A 323 -17.02 -7.34 11.15
CA SER A 323 -17.35 -6.25 12.07
C SER A 323 -16.09 -5.57 12.54
N ILE A 324 -16.10 -4.24 12.55
CA ILE A 324 -15.01 -3.50 13.17
C ILE A 324 -15.27 -3.57 14.66
N GLU A 325 -14.35 -4.15 15.44
CA GLU A 325 -14.53 -4.21 16.88
C GLU A 325 -13.26 -3.76 17.52
N LEU A 326 -13.38 -2.73 18.36
CA LEU A 326 -12.25 -1.99 18.85
C LEU A 326 -11.56 -2.71 20.06
N ASP A 327 -12.11 -3.80 20.54
CA ASP A 327 -11.58 -4.44 21.75
C ASP A 327 -11.19 -5.89 21.48
N ARG A 328 -10.69 -6.18 20.27
CA ARG A 328 -10.17 -7.50 19.91
C ARG A 328 -8.91 -7.78 20.73
N PRO A 329 -8.65 -9.05 21.11
CA PRO A 329 -7.43 -9.39 21.87
C PRO A 329 -6.16 -9.47 20.98
N ASN A 330 -6.34 -9.51 19.65
CA ASN A 330 -5.22 -9.66 18.70
C ASN A 330 -5.24 -8.59 17.58
N PRO A 331 -5.43 -7.31 17.95
CA PRO A 331 -5.75 -6.26 16.98
C PRO A 331 -4.70 -5.98 15.88
N THR A 332 -3.40 -6.11 16.18
CA THR A 332 -2.36 -5.78 15.20
C THR A 332 -1.86 -7.07 14.51
N SER A 333 -2.45 -8.22 14.85
CA SER A 333 -2.08 -9.46 14.18
C SER A 333 -2.55 -9.62 12.71
N HIS A 334 -3.25 -8.64 12.17
CA HIS A 334 -3.59 -8.64 10.70
C HIS A 334 -2.36 -8.63 9.82
N LEU A 335 -2.60 -8.94 8.51
CA LEU A 335 -1.55 -8.87 7.49
C LEU A 335 -1.64 -7.67 6.55
N ALA A 336 -2.30 -6.58 6.96
CA ALA A 336 -2.32 -5.37 6.09
C ALA A 336 -0.95 -4.87 5.65
N PHE A 337 0.08 -5.05 6.49
CA PHE A 337 1.43 -4.62 6.17
C PHE A 337 2.33 -5.79 5.78
N GLY A 338 1.71 -6.94 5.51
CA GLY A 338 2.51 -8.10 5.23
C GLY A 338 2.96 -8.84 6.49
N ARG A 339 4.04 -9.58 6.36
CA ARG A 339 4.51 -10.44 7.43
C ARG A 339 5.84 -11.05 7.01
N GLY A 340 6.78 -11.20 7.93
CA GLY A 340 8.05 -11.88 7.67
C GLY A 340 9.13 -10.97 7.06
N GLN A 341 9.94 -11.55 6.19
CA GLN A 341 11.06 -10.87 5.58
C GLN A 341 10.70 -9.46 4.98
N HIS A 342 9.55 -9.37 4.30
CA HIS A 342 9.18 -8.18 3.56
C HIS A 342 8.11 -7.32 4.23
N PHE A 343 7.97 -7.47 5.56
CA PHE A 343 7.05 -6.65 6.34
C PHE A 343 7.26 -5.17 5.95
N CYS A 344 6.17 -4.45 5.72
CA CYS A 344 6.24 -3.07 5.24
C CYS A 344 7.20 -2.20 6.12
N PRO A 345 8.25 -1.62 5.54
CA PRO A 345 9.09 -0.73 6.36
C PRO A 345 8.40 0.62 6.65
N GLY A 346 7.28 0.94 6.00
CA GLY A 346 6.64 2.24 6.28
C GLY A 346 5.41 2.14 7.18
N SER A 347 5.28 1.02 7.91
CA SER A 347 4.02 0.77 8.66
C SER A 347 3.64 1.87 9.65
N ALA A 348 4.61 2.45 10.36
CA ALA A 348 4.32 3.41 11.46
C ALA A 348 3.90 4.69 10.79
N LEU A 349 4.61 5.04 9.74
CA LEU A 349 4.23 6.22 8.93
C LEU A 349 2.80 6.12 8.39
N GLY A 350 2.47 4.94 7.82
CA GLY A 350 1.15 4.73 7.24
C GLY A 350 0.06 4.78 8.29
N ARG A 351 0.31 4.16 9.47
CA ARG A 351 -0.62 4.25 10.61
C ARG A 351 -0.90 5.71 11.03
N ARG A 352 0.19 6.47 11.18
CA ARG A 352 0.09 7.86 11.62
C ARG A 352 -0.56 8.75 10.55
N HIS A 353 -0.24 8.50 9.27
CA HIS A 353 -0.90 9.24 8.19
C HIS A 353 -2.43 9.13 8.34
N ALA A 354 -2.92 7.91 8.54
CA ALA A 354 -4.36 7.64 8.56
C ALA A 354 -5.00 8.14 9.81
N GLN A 355 -4.34 7.92 10.97
CA GLN A 355 -4.83 8.43 12.28
C GLN A 355 -5.09 9.95 12.27
N ILE A 356 -4.07 10.66 11.82
CA ILE A 356 -4.15 12.12 11.70
C ILE A 356 -5.20 12.57 10.65
N GLY A 357 -5.22 11.96 9.47
CA GLY A 357 -6.24 12.33 8.47
C GLY A 357 -7.67 12.12 9.00
N ILE A 358 -7.87 10.99 9.69
CA ILE A 358 -9.17 10.64 10.21
C ILE A 358 -9.53 11.61 11.33
N GLU A 359 -8.55 11.89 12.19
CA GLU A 359 -8.80 12.78 13.32
C GLU A 359 -9.25 14.18 12.84
N ALA A 360 -8.49 14.71 11.88
CA ALA A 360 -8.81 16.00 11.27
C ALA A 360 -10.18 15.96 10.57
N LEU A 361 -10.48 14.88 9.85
CA LEU A 361 -11.78 14.77 9.17
C LEU A 361 -12.96 14.80 10.09
N LEU A 362 -12.91 13.98 11.13
CA LEU A 362 -13.95 13.93 12.14
C LEU A 362 -14.16 15.27 12.89
N LYS A 363 -13.08 16.01 13.11
CA LYS A 363 -13.18 17.29 13.80
C LYS A 363 -13.82 18.35 12.87
N LYS A 364 -13.33 18.43 11.64
CA LYS A 364 -13.75 19.50 10.73
C LYS A 364 -15.11 19.21 10.08
N MET A 365 -15.43 17.92 9.87
CA MET A 365 -16.59 17.53 9.07
C MET A 365 -17.33 16.42 9.80
N PRO A 366 -17.97 16.75 10.95
CA PRO A 366 -18.47 15.65 11.77
C PRO A 366 -19.72 14.99 11.13
N GLY A 367 -20.35 15.70 10.21
CA GLY A 367 -21.55 15.21 9.51
C GLY A 367 -21.21 14.65 8.13
N VAL A 368 -19.91 14.34 7.89
CA VAL A 368 -19.46 13.79 6.60
C VAL A 368 -20.31 12.56 6.16
N ASP A 369 -20.69 12.55 4.88
CA ASP A 369 -21.45 11.47 4.30
C ASP A 369 -21.17 11.44 2.81
N LEU A 370 -21.32 10.26 2.21
CA LEU A 370 -21.31 10.15 0.74
C LEU A 370 -22.35 11.06 0.15
N ALA A 371 -21.95 11.79 -0.91
CA ALA A 371 -22.88 12.65 -1.62
C ALA A 371 -23.53 11.93 -2.83
N VAL A 372 -23.19 10.63 -3.04
CA VAL A 372 -23.70 9.73 -4.11
C VAL A 372 -23.94 8.35 -3.52
N PRO A 373 -24.97 7.61 -4.04
CA PRO A 373 -25.18 6.20 -3.61
C PRO A 373 -23.85 5.47 -3.77
N ILE A 374 -23.54 4.55 -2.87
CA ILE A 374 -22.19 3.99 -2.85
C ILE A 374 -21.89 3.18 -4.13
N ASP A 375 -22.94 2.64 -4.76
CA ASP A 375 -22.74 2.00 -6.11
C ASP A 375 -22.26 2.91 -7.20
N GLN A 376 -22.35 4.22 -6.99
CA GLN A 376 -21.91 5.18 -8.03
C GLN A 376 -20.44 5.41 -8.01
N LEU A 377 -19.74 4.91 -6.98
CA LEU A 377 -18.26 4.98 -6.95
C LEU A 377 -17.68 4.15 -8.14
N VAL A 378 -16.67 4.69 -8.81
CA VAL A 378 -16.04 4.07 -9.98
C VAL A 378 -14.72 3.45 -9.60
N TRP A 379 -14.65 2.11 -9.54
CA TRP A 379 -13.44 1.44 -9.05
C TRP A 379 -12.39 1.24 -10.09
N ARG A 380 -11.19 1.71 -9.81
CA ARG A 380 -10.11 1.62 -10.78
C ARG A 380 -9.79 0.16 -11.03
N THR A 381 -9.65 -0.21 -12.30
CA THR A 381 -9.37 -1.59 -12.70
C THR A 381 -7.90 -1.76 -13.11
N ARG A 382 -7.46 -3.01 -13.15
CA ARG A 382 -6.10 -3.39 -13.51
C ARG A 382 -4.99 -2.57 -12.81
N PHE A 383 -5.07 -2.47 -11.50
CA PHE A 383 -4.22 -1.62 -10.74
C PHE A 383 -3.85 -2.39 -9.47
N GLN A 384 -2.71 -2.04 -8.88
CA GLN A 384 -2.19 -2.79 -7.75
C GLN A 384 -2.94 -2.47 -6.47
N ARG A 385 -3.80 -1.44 -6.53
CA ARG A 385 -4.69 -1.03 -5.44
C ARG A 385 -6.09 -0.89 -5.95
N ARG A 386 -7.06 -1.00 -5.03
CA ARG A 386 -8.48 -0.76 -5.30
C ARG A 386 -8.76 0.63 -4.76
N ILE A 387 -9.22 1.52 -5.63
CA ILE A 387 -9.60 2.87 -5.20
C ILE A 387 -10.69 3.44 -6.07
N PRO A 388 -11.55 4.27 -5.48
CA PRO A 388 -12.59 4.89 -6.26
C PRO A 388 -11.90 6.08 -6.98
N GLU A 389 -12.29 6.33 -8.23
CA GLU A 389 -11.63 7.40 -9.00
C GLU A 389 -11.89 8.76 -8.33
N ARG A 390 -13.08 8.89 -7.75
CA ARG A 390 -13.51 10.10 -7.06
C ARG A 390 -14.27 9.66 -5.81
N LEU A 391 -14.11 10.40 -4.72
CA LEU A 391 -14.87 10.03 -3.53
C LEU A 391 -15.80 11.21 -3.11
N PRO A 392 -16.97 11.34 -3.75
CA PRO A 392 -17.79 12.55 -3.56
C PRO A 392 -18.49 12.57 -2.19
N VAL A 393 -18.25 13.60 -1.39
CA VAL A 393 -18.90 13.66 -0.05
C VAL A 393 -19.62 14.99 0.24
N LEU A 394 -20.55 14.91 1.19
CA LEU A 394 -21.12 16.14 1.75
C LEU A 394 -20.98 16.12 3.28
N TRP A 395 -21.35 17.19 3.95
CA TRP A 395 -21.16 17.27 5.41
C TRP A 395 -22.14 18.23 5.99
#